data_6BQH
#
_entry.id   6BQH
#
_cell.length_a   88.310
_cell.length_b   97.050
_cell.length_c   150.230
_cell.angle_alpha   90.00
_cell.angle_beta   90.00
_cell.angle_gamma   90.00
#
_symmetry.space_group_name_H-M   'C 2 2 2'
#
loop_
_entity.id
_entity.type
_entity.pdbx_description
1 polymer '5-hydroxytryptamine receptor 2C,Soluble cytochrome b562'
2 non-polymer 6-(2-{4-[bis(4-fluorophenyl)methylidene]piperidin-1-yl}ethyl)-7-methyl-5H-[1,3]thiazolo[3,2-a]pyrimidin-5-one
3 non-polymer '(2R)-2,3-dihydroxypropyl (9Z)-octadec-9-enoate'
4 non-polymer DI(HYDROXYETHYL)ETHER
5 non-polymer 'OLEIC ACID'
6 water water
#
_entity_poly.entity_id   1
_entity_poly.type   'polypeptide(L)'
_entity_poly.pdbx_seq_one_letter_code
;MKTIIALSYIFCLVFADYKDDDDGAPTSDGGRFKFPDGVQNWPALSIVIIIIMTIGGNILVIMAVSMEKKLHNATNYFLM
SLAIADMLVGLLVMPLSLLAILYDYVWPLPRYLCPVWISLDVLFSTASIMHLCAISLDRYVAIRNPIEHSRFNSRTKAIM
KIAIVWAISIGVSVPIPVIGLRDEEKVFVNNTTCVLNDPNFVLIGSFVAFFIPLTIMVITYCLTIYVLRRQAADLEDNWE
TLNDNLKVIEKADNAAQVKDALTKMRAAALDAQKATPPKLEDKSPDSPEMKDFRHGFDILVGQIDDALKLANEGKVKEAQ
AAAEQLKTTRNAYIQKYLQAINNERKASKVLGIVFFVFLIMWCPFFITNILSVLCEKSCNQKLMEKLLNVFVWIGYVNSG
INPLVYTLFNKIYRRAFSNYLRCNYKVEKKPGRPLEVLFQGPHHHHHHHHHH
;
_entity_poly.pdbx_strand_id   A
#
# COMPACT_ATOMS: atom_id res chain seq x y z
N PHE A 33 27.67 -16.39 8.19
CA PHE A 33 27.40 -15.15 7.45
C PHE A 33 28.62 -14.75 6.64
N LYS A 34 28.69 -15.24 5.41
CA LYS A 34 29.82 -15.01 4.51
C LYS A 34 31.13 -15.41 5.20
N PHE A 35 31.33 -16.73 5.27
CA PHE A 35 32.53 -17.27 5.88
C PHE A 35 33.84 -16.76 5.28
N PRO A 36 33.99 -16.59 3.95
CA PRO A 36 33.08 -16.85 2.82
C PRO A 36 33.13 -18.28 2.29
N ASP A 37 33.99 -19.11 2.88
CA ASP A 37 34.19 -20.46 2.37
C ASP A 37 32.90 -21.28 2.44
N GLY A 38 32.56 -21.92 1.31
CA GLY A 38 31.37 -22.72 1.19
C GLY A 38 30.32 -22.17 0.25
N VAL A 39 30.43 -20.89 -0.11
CA VAL A 39 29.41 -20.25 -0.95
C VAL A 39 29.40 -20.89 -2.34
N GLN A 40 28.19 -21.15 -2.85
CA GLN A 40 28.01 -21.85 -4.10
C GLN A 40 27.35 -21.02 -5.20
N ASN A 41 26.93 -19.79 -4.91
CA ASN A 41 26.25 -18.97 -5.92
C ASN A 41 26.66 -17.51 -5.70
N TRP A 42 27.79 -17.13 -6.30
CA TRP A 42 28.35 -15.80 -6.16
C TRP A 42 27.60 -14.73 -6.96
N PRO A 43 27.15 -15.00 -8.20
CA PRO A 43 26.35 -13.99 -8.90
C PRO A 43 25.06 -13.63 -8.20
N ALA A 44 24.57 -14.48 -7.29
CA ALA A 44 23.40 -14.11 -6.49
C ALA A 44 23.69 -12.93 -5.58
N LEU A 45 24.96 -12.69 -5.26
CA LEU A 45 25.32 -11.53 -4.45
C LEU A 45 24.85 -10.23 -5.08
N SER A 46 24.58 -10.24 -6.39
CA SER A 46 24.13 -9.02 -7.07
C SER A 46 22.75 -8.57 -6.63
N ILE A 47 22.02 -9.40 -5.87
CA ILE A 47 20.74 -8.99 -5.29
C ILE A 47 20.92 -7.94 -4.22
N VAL A 48 22.15 -7.68 -3.79
CA VAL A 48 22.41 -6.62 -2.81
C VAL A 48 21.86 -5.28 -3.32
N ILE A 49 21.89 -5.06 -4.64
CA ILE A 49 21.35 -3.83 -5.20
C ILE A 49 19.86 -3.70 -4.88
N ILE A 50 19.11 -4.78 -5.01
CA ILE A 50 17.71 -4.78 -4.62
C ILE A 50 17.57 -4.40 -3.15
N ILE A 51 18.44 -4.94 -2.29
CA ILE A 51 18.37 -4.68 -0.87
C ILE A 51 18.66 -3.21 -0.57
N ILE A 52 19.69 -2.65 -1.21
CA ILE A 52 20.08 -1.28 -0.97
C ILE A 52 18.96 -0.31 -1.36
N MET A 53 18.32 -0.56 -2.49
CA MET A 53 17.26 0.34 -2.95
C MET A 53 15.97 0.18 -2.16
N THR A 54 15.77 -0.98 -1.52
CA THR A 54 14.59 -1.16 -0.68
C THR A 54 14.74 -0.43 0.65
N ILE A 55 15.96 -0.40 1.20
CA ILE A 55 16.19 0.31 2.46
C ILE A 55 16.19 1.81 2.22
N GLY A 56 17.00 2.28 1.27
CA GLY A 56 17.13 3.71 1.05
C GLY A 56 15.83 4.35 0.57
N GLY A 57 15.07 3.64 -0.27
CA GLY A 57 13.81 4.18 -0.75
C GLY A 57 12.82 4.44 0.36
N ASN A 58 12.64 3.45 1.25
CA ASN A 58 11.71 3.61 2.37
C ASN A 58 12.26 4.56 3.43
N ILE A 59 13.59 4.64 3.57
CA ILE A 59 14.18 5.64 4.44
C ILE A 59 13.75 7.03 4.01
N LEU A 60 13.78 7.30 2.71
CA LEU A 60 13.36 8.60 2.20
C LEU A 60 11.90 8.88 2.52
N VAL A 61 11.05 7.85 2.46
CA VAL A 61 9.66 8.01 2.85
C VAL A 61 9.55 8.37 4.33
N ILE A 62 10.33 7.69 5.17
CA ILE A 62 10.34 8.02 6.60
C ILE A 62 10.77 9.46 6.81
N MET A 63 11.81 9.89 6.10
CA MET A 63 12.27 11.26 6.19
C MET A 63 11.20 12.25 5.73
N ALA A 64 10.52 11.92 4.63
CA ALA A 64 9.55 12.85 4.05
C ALA A 64 8.36 13.06 4.99
N VAL A 65 7.75 11.96 5.46
CA VAL A 65 6.60 12.09 6.35
C VAL A 65 7.00 12.68 7.71
N SER A 66 8.27 12.56 8.10
CA SER A 66 8.70 13.12 9.36
C SER A 66 9.01 14.62 9.26
N MET A 67 9.49 15.06 8.10
CA MET A 67 9.93 16.45 7.93
C MET A 67 8.91 17.34 7.24
N GLU A 68 8.14 16.81 6.29
CA GLU A 68 7.27 17.66 5.47
C GLU A 68 5.96 17.92 6.21
N LYS A 69 5.62 19.20 6.38
CA LYS A 69 4.37 19.58 7.05
C LYS A 69 3.16 19.09 6.26
N LYS A 70 3.15 19.31 4.95
CA LYS A 70 2.00 18.98 4.11
C LYS A 70 1.79 17.47 3.98
N LEU A 71 2.55 16.69 4.75
CA LEU A 71 2.43 15.23 4.76
C LEU A 71 2.00 14.71 6.13
N HIS A 72 1.69 15.60 7.08
CA HIS A 72 1.33 15.21 8.44
C HIS A 72 -0.18 15.01 8.50
N ASN A 73 -0.62 13.76 8.31
CA ASN A 73 -2.03 13.39 8.35
C ASN A 73 -2.11 11.87 8.42
N ALA A 74 -3.30 11.37 8.76
CA ALA A 74 -3.48 9.97 9.09
C ALA A 74 -3.00 9.06 7.96
N THR A 75 -3.41 9.35 6.72
CA THR A 75 -3.07 8.47 5.61
C THR A 75 -1.57 8.39 5.39
N ASN A 76 -0.86 9.51 5.55
CA ASN A 76 0.57 9.50 5.32
C ASN A 76 1.36 8.99 6.53
N TYR A 77 0.79 9.02 7.73
CA TYR A 77 1.39 8.30 8.84
C TYR A 77 1.32 6.80 8.61
N PHE A 78 0.22 6.32 8.01
CA PHE A 78 0.12 4.93 7.61
C PHE A 78 1.26 4.55 6.66
N LEU A 79 1.55 5.42 5.69
CA LEU A 79 2.60 5.15 4.72
C LEU A 79 3.98 5.12 5.36
N MET A 80 4.20 5.94 6.39
CA MET A 80 5.48 5.92 7.09
C MET A 80 5.67 4.63 7.86
N SER A 81 4.67 4.27 8.68
CA SER A 81 4.72 2.99 9.39
C SER A 81 4.82 1.83 8.42
N LEU A 82 4.19 1.95 7.25
CA LEU A 82 4.39 0.97 6.20
C LEU A 82 5.83 0.95 5.72
N ALA A 83 6.41 2.14 5.51
CA ALA A 83 7.81 2.21 5.09
C ALA A 83 8.74 1.66 6.16
N ILE A 84 8.34 1.72 7.43
CA ILE A 84 9.14 1.10 8.49
C ILE A 84 9.09 -0.42 8.37
N ALA A 85 7.96 -0.98 7.98
CA ALA A 85 7.89 -2.43 7.78
C ALA A 85 8.67 -2.83 6.54
N ASP A 86 8.51 -2.08 5.44
CA ASP A 86 9.21 -2.43 4.20
C ASP A 86 10.71 -2.18 4.31
N MET A 87 11.12 -1.21 5.12
CA MET A 87 12.55 -1.04 5.36
C MET A 87 13.10 -2.19 6.18
N LEU A 88 12.34 -2.69 7.15
CA LEU A 88 12.77 -3.83 7.94
C LEU A 88 12.69 -5.14 7.19
N VAL A 89 11.89 -5.23 6.13
CA VAL A 89 11.96 -6.38 5.23
C VAL A 89 13.31 -6.40 4.54
N GLY A 90 13.71 -5.27 3.95
CA GLY A 90 14.99 -5.22 3.27
C GLY A 90 16.16 -5.28 4.22
N LEU A 91 15.95 -4.90 5.47
CA LEU A 91 17.02 -4.85 6.46
C LEU A 91 17.20 -6.16 7.22
N LEU A 92 16.13 -6.95 7.38
CA LEU A 92 16.17 -8.13 8.22
C LEU A 92 15.67 -9.41 7.56
N VAL A 93 14.85 -9.34 6.51
CA VAL A 93 14.34 -10.52 5.83
C VAL A 93 15.09 -10.78 4.53
N MET A 94 15.22 -9.76 3.69
CA MET A 94 15.97 -9.92 2.43
C MET A 94 17.41 -10.38 2.63
N PRO A 95 18.22 -9.82 3.54
CA PRO A 95 19.63 -10.24 3.60
C PRO A 95 19.79 -11.70 3.98
N LEU A 96 18.99 -12.20 4.91
CA LEU A 96 19.09 -13.61 5.31
C LEU A 96 18.47 -14.55 4.30
N SER A 97 17.58 -14.05 3.44
CA SER A 97 17.15 -14.85 2.28
C SER A 97 18.27 -14.94 1.26
N LEU A 98 18.92 -13.82 0.97
CA LEU A 98 20.04 -13.82 0.02
C LEU A 98 21.16 -14.73 0.49
N LEU A 99 21.48 -14.71 1.79
CA LEU A 99 22.54 -15.56 2.32
C LEU A 99 22.22 -17.03 2.08
N ALA A 100 20.95 -17.42 2.25
CA ALA A 100 20.56 -18.80 1.96
C ALA A 100 20.75 -19.13 0.49
N ILE A 101 20.37 -18.22 -0.40
CA ILE A 101 20.58 -18.43 -1.84
C ILE A 101 22.06 -18.61 -2.13
N LEU A 102 22.92 -17.88 -1.42
CA LEU A 102 24.35 -17.96 -1.69
C LEU A 102 24.91 -19.35 -1.40
N TYR A 103 24.30 -20.09 -0.47
CA TYR A 103 24.75 -21.43 -0.12
C TYR A 103 23.84 -22.51 -0.67
N ASP A 104 23.18 -22.23 -1.82
CA ASP A 104 22.27 -23.17 -2.46
C ASP A 104 21.18 -23.65 -1.49
N TYR A 105 20.64 -22.71 -0.73
CA TYR A 105 19.55 -22.92 0.21
C TYR A 105 19.91 -23.90 1.32
N VAL A 106 21.19 -24.08 1.59
CA VAL A 106 21.65 -24.82 2.76
C VAL A 106 21.94 -23.81 3.85
N TRP A 107 21.15 -23.84 4.92
CA TRP A 107 21.19 -22.83 5.96
C TRP A 107 22.61 -22.69 6.53
N PRO A 108 23.27 -21.54 6.36
CA PRO A 108 24.65 -21.40 6.82
C PRO A 108 24.79 -20.87 8.24
N LEU A 109 23.72 -20.34 8.82
CA LEU A 109 23.75 -19.78 10.17
C LEU A 109 23.36 -20.85 11.19
N PRO A 110 23.50 -20.57 12.49
CA PRO A 110 23.05 -21.54 13.49
C PRO A 110 21.58 -21.88 13.34
N ARG A 111 21.21 -23.08 13.78
CA ARG A 111 19.87 -23.59 13.52
C ARG A 111 18.79 -22.84 14.29
N TYR A 112 19.14 -22.25 15.44
CA TYR A 112 18.15 -21.45 16.16
C TYR A 112 17.81 -20.16 15.43
N LEU A 113 18.72 -19.68 14.58
CA LEU A 113 18.50 -18.43 13.85
C LEU A 113 17.51 -18.60 12.70
N CYS A 114 17.13 -19.84 12.36
CA CYS A 114 16.17 -20.04 11.27
C CYS A 114 14.76 -19.66 11.68
N PRO A 115 14.17 -20.18 12.77
CA PRO A 115 12.81 -19.77 13.13
C PRO A 115 12.69 -18.32 13.56
N VAL A 116 13.78 -17.69 13.99
CA VAL A 116 13.76 -16.26 14.24
C VAL A 116 13.54 -15.48 12.95
N TRP A 117 14.27 -15.86 11.90
CA TRP A 117 14.13 -15.16 10.62
C TRP A 117 12.76 -15.43 10.01
N ILE A 118 12.27 -16.68 10.13
CA ILE A 118 10.97 -17.01 9.57
C ILE A 118 9.87 -16.15 10.21
N SER A 119 9.97 -15.91 11.52
CA SER A 119 8.97 -15.08 12.20
C SER A 119 9.13 -13.62 11.82
N LEU A 120 10.36 -13.14 11.65
CA LEU A 120 10.57 -11.79 11.14
C LEU A 120 10.09 -11.66 9.70
N ASP A 121 10.19 -12.73 8.90
CA ASP A 121 9.60 -12.71 7.57
C ASP A 121 8.09 -12.57 7.65
N VAL A 122 7.45 -13.37 8.49
CA VAL A 122 5.99 -13.35 8.60
C VAL A 122 5.52 -12.02 9.18
N LEU A 123 6.19 -11.53 10.21
CA LEU A 123 5.75 -10.30 10.89
C LEU A 123 5.71 -9.13 9.93
N PHE A 124 6.82 -8.86 9.26
CA PHE A 124 6.89 -7.66 8.42
C PHE A 124 6.07 -7.80 7.15
N SER A 125 5.95 -9.01 6.61
CA SER A 125 5.11 -9.20 5.43
C SER A 125 3.64 -9.02 5.76
N THR A 126 3.19 -9.55 6.91
CA THR A 126 1.82 -9.31 7.33
C THR A 126 1.58 -7.84 7.62
N ALA A 127 2.54 -7.16 8.25
CA ALA A 127 2.39 -5.73 8.53
C ALA A 127 2.18 -4.93 7.25
N SER A 128 2.73 -5.39 6.13
CA SER A 128 2.54 -4.69 4.86
C SER A 128 1.07 -4.75 4.43
N ILE A 129 0.53 -5.96 4.28
CA ILE A 129 -0.86 -6.12 3.85
C ILE A 129 -1.81 -5.54 4.90
N MET A 130 -1.46 -5.66 6.18
CA MET A 130 -2.31 -5.11 7.23
C MET A 130 -2.35 -3.58 7.19
N HIS A 131 -1.29 -2.95 6.71
CA HIS A 131 -1.30 -1.50 6.55
C HIS A 131 -2.19 -1.09 5.37
N LEU A 132 -2.02 -1.74 4.22
CA LEU A 132 -2.82 -1.41 3.05
C LEU A 132 -4.30 -1.65 3.31
N CYS A 133 -4.63 -2.74 3.98
CA CYS A 133 -6.02 -3.02 4.32
C CYS A 133 -6.57 -1.98 5.30
N ALA A 134 -5.76 -1.58 6.28
CA ALA A 134 -6.20 -0.58 7.24
C ALA A 134 -6.40 0.79 6.57
N ILE A 135 -5.51 1.15 5.65
CA ILE A 135 -5.67 2.39 4.90
C ILE A 135 -7.01 2.38 4.16
N SER A 136 -7.27 1.28 3.42
CA SER A 136 -8.49 1.19 2.63
C SER A 136 -9.73 1.06 3.52
N LEU A 137 -9.59 0.44 4.69
CA LEU A 137 -10.74 0.32 5.58
C LEU A 137 -11.04 1.64 6.26
N ASP A 138 -10.01 2.33 6.74
CA ASP A 138 -10.22 3.64 7.37
C ASP A 138 -10.76 4.64 6.36
N ARG A 139 -10.23 4.62 5.13
CA ARG A 139 -10.73 5.52 4.09
C ARG A 139 -12.19 5.24 3.78
N TYR A 140 -12.59 3.96 3.80
CA TYR A 140 -13.98 3.62 3.55
C TYR A 140 -14.88 4.04 4.71
N VAL A 141 -14.44 3.78 5.95
CA VAL A 141 -15.22 4.21 7.10
C VAL A 141 -15.26 5.72 7.21
N ALA A 142 -14.23 6.42 6.72
CA ALA A 142 -14.23 7.88 6.71
C ALA A 142 -15.27 8.45 5.77
N ILE A 143 -15.82 7.65 4.87
CA ILE A 143 -16.77 8.10 3.87
C ILE A 143 -18.20 7.65 4.21
N ARG A 144 -18.38 6.38 4.56
CA ARG A 144 -19.66 5.89 5.06
C ARG A 144 -19.72 6.13 6.56
N ASN A 145 -20.76 6.82 7.01
CA ASN A 145 -20.88 7.31 8.38
C ASN A 145 -19.72 8.25 8.71
N PRO A 146 -19.60 9.45 8.04
CA PRO A 146 -18.58 10.43 8.40
C PRO A 146 -18.99 11.31 9.57
N ILE A 147 -19.35 10.66 10.69
CA ILE A 147 -19.80 11.37 11.88
C ILE A 147 -18.69 12.30 12.38
N GLU A 148 -19.09 13.36 13.08
CA GLU A 148 -18.14 14.29 13.67
C GLU A 148 -17.16 13.55 14.57
N HIS A 149 -15.88 13.59 14.19
CA HIS A 149 -14.82 12.90 14.92
C HIS A 149 -14.50 13.69 16.19
N SER A 150 -15.37 13.53 17.20
CA SER A 150 -15.34 14.32 18.41
C SER A 150 -14.53 13.69 19.53
N ARG A 151 -14.06 12.46 19.37
CA ARG A 151 -13.35 11.80 20.45
C ARG A 151 -11.87 12.20 20.49
N PHE A 152 -11.15 12.03 19.37
CA PHE A 152 -9.72 12.28 19.33
C PHE A 152 -9.33 12.94 18.02
N ASN A 153 -8.16 13.57 18.03
CA ASN A 153 -7.62 14.21 16.84
C ASN A 153 -7.16 13.15 15.83
N SER A 154 -6.93 13.60 14.58
CA SER A 154 -6.55 12.66 13.52
C SER A 154 -5.17 12.06 13.76
N ARG A 155 -4.23 12.86 14.28
CA ARG A 155 -2.88 12.36 14.54
C ARG A 155 -2.91 11.24 15.57
N THR A 156 -3.60 11.47 16.69
CA THR A 156 -3.61 10.47 17.76
C THR A 156 -4.51 9.29 17.44
N LYS A 157 -5.61 9.51 16.71
CA LYS A 157 -6.44 8.40 16.28
C LYS A 157 -5.68 7.46 15.34
N ALA A 158 -4.74 8.01 14.57
CA ALA A 158 -3.91 7.17 13.71
C ALA A 158 -3.01 6.26 14.53
N ILE A 159 -2.53 6.75 15.68
CA ILE A 159 -1.60 5.99 16.50
C ILE A 159 -2.23 4.69 16.99
N MET A 160 -3.50 4.75 17.39
CA MET A 160 -4.17 3.52 17.83
C MET A 160 -4.36 2.56 16.66
N LYS A 161 -4.71 3.08 15.49
CA LYS A 161 -4.91 2.22 14.33
C LYS A 161 -3.59 1.57 13.89
N ILE A 162 -2.49 2.30 14.01
CA ILE A 162 -1.20 1.69 13.72
C ILE A 162 -0.86 0.65 14.78
N ALA A 163 -1.34 0.83 16.01
CA ALA A 163 -1.05 -0.14 17.06
C ALA A 163 -1.78 -1.46 16.80
N ILE A 164 -3.00 -1.40 16.29
CA ILE A 164 -3.73 -2.66 16.06
C ILE A 164 -3.16 -3.41 14.86
N VAL A 165 -2.61 -2.70 13.87
CA VAL A 165 -2.05 -3.43 12.73
C VAL A 165 -0.72 -4.05 13.10
N TRP A 166 0.01 -3.47 14.06
CA TRP A 166 1.20 -4.13 14.57
C TRP A 166 0.87 -5.19 15.62
N ALA A 167 -0.19 -4.96 16.41
CA ALA A 167 -0.62 -5.97 17.38
C ALA A 167 -1.03 -7.26 16.69
N ILE A 168 -1.80 -7.17 15.61
CA ILE A 168 -2.18 -8.35 14.86
C ILE A 168 -0.95 -8.98 14.21
N SER A 169 -0.05 -8.16 13.68
CA SER A 169 1.11 -8.69 12.96
C SER A 169 2.02 -9.47 13.89
N ILE A 170 2.32 -8.91 15.07
CA ILE A 170 3.06 -9.65 16.09
C ILE A 170 2.31 -10.91 16.49
N GLY A 171 0.98 -10.83 16.58
CA GLY A 171 0.20 -11.98 16.99
C GLY A 171 0.28 -13.13 16.01
N VAL A 172 0.45 -12.84 14.73
CA VAL A 172 0.54 -13.91 13.75
C VAL A 172 1.94 -14.51 13.72
N SER A 173 2.97 -13.69 13.95
CA SER A 173 4.35 -14.15 13.83
C SER A 173 4.91 -14.74 15.13
N VAL A 174 4.31 -14.44 16.28
CA VAL A 174 4.85 -14.87 17.56
C VAL A 174 4.71 -16.37 17.82
N PRO A 175 3.75 -17.11 17.25
CA PRO A 175 3.77 -18.57 17.45
C PRO A 175 4.93 -19.26 16.75
N ILE A 176 5.49 -18.65 15.72
CA ILE A 176 6.45 -19.31 14.83
C ILE A 176 7.76 -19.65 15.53
N PRO A 177 8.36 -18.77 16.35
CA PRO A 177 9.55 -19.20 17.09
C PRO A 177 9.28 -20.37 18.02
N VAL A 178 8.06 -20.45 18.58
CA VAL A 178 7.70 -21.58 19.43
C VAL A 178 7.60 -22.86 18.60
N ILE A 179 6.77 -22.84 17.56
CA ILE A 179 6.56 -24.01 16.72
C ILE A 179 7.87 -24.49 16.11
N GLY A 180 8.68 -23.56 15.62
CA GLY A 180 9.90 -23.93 14.94
C GLY A 180 10.97 -24.50 15.87
N LEU A 181 11.14 -23.89 17.04
CA LEU A 181 12.17 -24.35 17.97
C LEU A 181 11.75 -25.63 18.69
N ARG A 182 10.47 -25.73 19.07
CA ARG A 182 9.99 -26.94 19.73
C ARG A 182 10.10 -28.15 18.80
N ASP A 183 9.77 -27.97 17.52
CA ASP A 183 9.80 -29.03 16.52
C ASP A 183 10.50 -28.46 15.28
N GLU A 184 11.78 -28.81 15.11
CA GLU A 184 12.61 -28.19 14.08
C GLU A 184 12.22 -28.60 12.67
N GLU A 185 11.42 -29.65 12.50
CA GLU A 185 11.03 -30.07 11.16
C GLU A 185 9.93 -29.19 10.58
N LYS A 186 9.24 -28.43 11.43
CA LYS A 186 8.26 -27.46 10.96
C LYS A 186 8.90 -26.26 10.29
N VAL A 187 10.21 -26.11 10.38
CA VAL A 187 10.91 -24.96 9.81
C VAL A 187 12.16 -25.39 9.05
N PHE A 188 12.36 -26.69 8.89
CA PHE A 188 13.49 -27.21 8.14
C PHE A 188 13.03 -28.34 7.24
N VAL A 189 13.35 -28.23 5.95
CA VAL A 189 13.09 -29.27 4.97
C VAL A 189 14.40 -30.00 4.70
N ASN A 190 14.34 -31.33 4.64
CA ASN A 190 15.50 -32.17 4.38
C ASN A 190 16.63 -31.90 5.37
N ASN A 191 16.30 -31.36 6.54
CA ASN A 191 17.22 -31.07 7.62
C ASN A 191 18.25 -29.98 7.25
N THR A 192 18.09 -29.32 6.11
CA THR A 192 19.10 -28.36 5.68
C THR A 192 18.51 -27.01 5.32
N THR A 193 17.49 -26.98 4.46
CA THR A 193 16.93 -25.72 4.02
C THR A 193 15.91 -25.21 5.03
N CYS A 194 15.95 -23.91 5.27
CA CYS A 194 15.10 -23.23 6.26
C CYS A 194 13.89 -22.63 5.53
N VAL A 195 12.74 -23.29 5.67
CA VAL A 195 11.48 -22.78 5.15
C VAL A 195 10.37 -23.21 6.08
N LEU A 196 9.27 -22.46 6.08
CA LEU A 196 8.12 -22.81 6.90
C LEU A 196 7.49 -24.09 6.36
N ASN A 197 7.34 -25.09 7.22
CA ASN A 197 6.94 -26.42 6.79
C ASN A 197 5.82 -26.99 7.66
N ASP A 198 4.96 -26.13 8.19
CA ASP A 198 3.81 -26.56 8.97
C ASP A 198 2.55 -26.37 8.13
N PRO A 199 1.96 -27.43 7.59
CA PRO A 199 0.81 -27.24 6.68
C PRO A 199 -0.39 -26.60 7.35
N ASN A 200 -0.70 -26.97 8.60
CA ASN A 200 -1.83 -26.36 9.29
C ASN A 200 -1.63 -24.87 9.49
N PHE A 201 -0.45 -24.47 9.95
CA PHE A 201 -0.18 -23.05 10.16
C PHE A 201 -0.19 -22.29 8.84
N VAL A 202 0.47 -22.85 7.82
CA VAL A 202 0.57 -22.15 6.53
C VAL A 202 -0.82 -21.97 5.92
N LEU A 203 -1.70 -22.96 6.05
CA LEU A 203 -3.03 -22.89 5.49
C LEU A 203 -3.89 -21.85 6.21
N ILE A 204 -4.22 -22.11 7.48
CA ILE A 204 -5.02 -21.19 8.27
C ILE A 204 -4.39 -19.81 8.30
N GLY A 205 -3.06 -19.75 8.47
CA GLY A 205 -2.37 -18.48 8.54
C GLY A 205 -2.49 -17.67 7.25
N SER A 206 -2.44 -18.35 6.10
CA SER A 206 -2.56 -17.63 4.83
C SER A 206 -3.90 -16.92 4.72
N PHE A 207 -4.96 -17.51 5.27
CA PHE A 207 -6.25 -16.82 5.31
C PHE A 207 -6.17 -15.60 6.22
N VAL A 208 -5.76 -15.79 7.47
CA VAL A 208 -5.74 -14.68 8.42
C VAL A 208 -4.76 -13.60 8.00
N ALA A 209 -3.57 -14.01 7.54
CA ALA A 209 -2.51 -13.05 7.28
C ALA A 209 -2.50 -12.51 5.85
N PHE A 210 -3.21 -13.14 4.92
CA PHE A 210 -3.15 -12.63 3.55
C PHE A 210 -4.52 -12.58 2.88
N PHE A 211 -5.25 -13.69 2.90
CA PHE A 211 -6.48 -13.78 2.10
C PHE A 211 -7.60 -12.92 2.65
N ILE A 212 -7.77 -12.87 3.97
CA ILE A 212 -8.83 -12.05 4.55
C ILE A 212 -8.48 -10.56 4.42
N PRO A 213 -7.27 -10.11 4.81
CA PRO A 213 -6.97 -8.68 4.62
C PRO A 213 -6.98 -8.25 3.18
N LEU A 214 -6.61 -9.13 2.25
CA LEU A 214 -6.68 -8.79 0.83
C LEU A 214 -8.12 -8.67 0.37
N THR A 215 -9.00 -9.56 0.86
CA THR A 215 -10.40 -9.48 0.49
C THR A 215 -11.04 -8.19 0.99
N ILE A 216 -10.64 -7.76 2.19
CA ILE A 216 -11.19 -6.52 2.74
C ILE A 216 -10.67 -5.31 1.98
N MET A 217 -9.38 -5.32 1.63
CA MET A 217 -8.81 -4.17 0.93
C MET A 217 -9.46 -3.97 -0.43
N VAL A 218 -9.82 -5.06 -1.11
CA VAL A 218 -10.37 -4.94 -2.45
C VAL A 218 -11.81 -4.44 -2.41
N ILE A 219 -12.63 -5.01 -1.52
CA ILE A 219 -14.03 -4.61 -1.42
C ILE A 219 -14.14 -3.18 -0.91
N THR A 220 -13.41 -2.86 0.16
CA THR A 220 -13.49 -1.51 0.71
C THR A 220 -12.98 -0.48 -0.30
N TYR A 221 -11.94 -0.81 -1.06
CA TYR A 221 -11.45 0.13 -2.06
C TYR A 221 -12.48 0.38 -3.15
N CYS A 222 -13.01 -0.69 -3.75
CA CYS A 222 -14.00 -0.52 -4.82
C CYS A 222 -15.26 0.17 -4.30
N LEU A 223 -15.74 -0.26 -3.14
CA LEU A 223 -16.93 0.38 -2.57
C LEU A 223 -16.66 1.85 -2.25
N THR A 224 -15.45 2.17 -1.79
CA THR A 224 -15.08 3.58 -1.58
C THR A 224 -15.09 4.34 -2.90
N ILE A 225 -14.47 3.78 -3.93
CA ILE A 225 -14.36 4.46 -5.21
C ILE A 225 -15.73 4.57 -5.88
N TYR A 226 -16.71 3.76 -5.47
CA TYR A 226 -18.06 3.89 -6.01
C TYR A 226 -18.79 5.05 -5.35
N VAL A 227 -18.68 5.18 -4.03
CA VAL A 227 -19.34 6.27 -3.32
C VAL A 227 -18.75 7.61 -3.76
N LEU A 228 -17.42 7.69 -3.84
CA LEU A 228 -16.78 8.96 -4.19
C LEU A 228 -17.18 9.45 -5.56
N ARG A 229 -17.44 8.53 -6.50
CA ARG A 229 -17.83 8.94 -7.84
C ARG A 229 -19.26 9.44 -7.87
N ARG A 230 -20.16 8.78 -7.14
CA ARG A 230 -21.56 9.18 -7.13
C ARG A 230 -21.73 10.56 -6.51
N GLN A 231 -21.00 10.84 -5.42
CA GLN A 231 -21.14 12.14 -4.77
C GLN A 231 -20.44 13.24 -5.57
N ALA A 232 -19.33 12.93 -6.24
CA ALA A 232 -18.64 13.94 -7.03
C ALA A 232 -19.42 14.27 -8.30
N ALA A 233 -20.03 13.26 -8.93
CA ALA A 233 -20.79 13.49 -10.16
C ALA A 233 -21.96 14.43 -9.94
N ASP A 234 -22.43 14.58 -8.70
CA ASP A 234 -23.48 15.53 -8.41
C ASP A 234 -23.06 16.94 -8.79
N LEU A 235 -21.93 17.40 -8.26
CA LEU A 235 -21.42 18.73 -8.58
C LEU A 235 -20.74 18.76 -9.94
N GLU A 236 -20.04 17.68 -10.31
CA GLU A 236 -19.27 17.68 -11.56
C GLU A 236 -20.18 17.84 -12.77
N ASP A 237 -21.26 17.04 -12.84
CA ASP A 237 -22.16 17.13 -13.98
C ASP A 237 -22.80 18.50 -14.11
N ASN A 238 -23.01 19.19 -12.99
CA ASN A 238 -23.51 20.56 -13.06
C ASN A 238 -22.40 21.54 -13.42
N TRP A 239 -21.18 21.30 -12.90
CA TRP A 239 -20.05 22.15 -13.26
C TRP A 239 -19.57 21.89 -14.68
N GLU A 240 -19.76 20.67 -15.18
CA GLU A 240 -19.37 20.36 -16.56
C GLU A 240 -20.28 21.04 -17.57
N THR A 241 -21.59 21.05 -17.30
CA THR A 241 -22.52 21.68 -18.23
C THR A 241 -22.29 23.18 -18.31
N LEU A 242 -22.14 23.84 -17.15
CA LEU A 242 -21.90 25.28 -17.14
C LEU A 242 -20.62 25.62 -17.90
N ASN A 243 -19.58 24.79 -17.75
CA ASN A 243 -18.34 25.01 -18.48
C ASN A 243 -18.54 24.83 -19.98
N ASP A 244 -19.19 23.72 -20.37
CA ASP A 244 -19.41 23.47 -21.80
C ASP A 244 -20.28 24.56 -22.41
N ASN A 245 -21.36 24.95 -21.73
CA ASN A 245 -22.21 26.01 -22.24
C ASN A 245 -21.51 27.36 -22.28
N LEU A 246 -20.38 27.49 -21.59
CA LEU A 246 -19.56 28.70 -21.71
C LEU A 246 -18.74 28.70 -22.99
N LYS A 247 -18.39 27.50 -23.50
CA LYS A 247 -17.61 27.43 -24.73
C LYS A 247 -18.41 27.92 -25.93
N VAL A 248 -19.71 27.59 -25.97
CA VAL A 248 -20.55 28.02 -27.08
C VAL A 248 -20.74 29.53 -27.08
N ILE A 249 -20.71 30.17 -25.91
CA ILE A 249 -20.70 31.62 -25.84
C ILE A 249 -19.41 32.22 -26.38
N GLU A 250 -18.36 31.39 -26.53
CA GLU A 250 -17.11 31.81 -27.14
C GLU A 250 -16.88 31.15 -28.50
N LYS A 251 -17.94 30.66 -29.14
CA LYS A 251 -17.80 29.97 -30.41
C LYS A 251 -17.35 30.92 -31.53
N ALA A 252 -18.05 32.03 -31.77
CA ALA A 252 -19.27 32.48 -31.10
C ALA A 252 -20.31 32.96 -32.10
N VAL A 258 -27.79 31.33 -28.19
CA VAL A 258 -27.09 31.94 -27.06
C VAL A 258 -28.04 32.17 -25.89
N LYS A 259 -29.26 32.59 -26.21
CA LYS A 259 -30.28 32.74 -25.17
C LYS A 259 -30.69 31.39 -24.60
N ASP A 260 -30.48 30.31 -25.35
CA ASP A 260 -30.63 28.95 -24.86
C ASP A 260 -29.37 28.43 -24.16
N ALA A 261 -28.20 28.96 -24.50
CA ALA A 261 -26.98 28.54 -23.82
C ALA A 261 -26.72 29.35 -22.56
N LEU A 262 -27.25 30.58 -22.50
CA LEU A 262 -27.16 31.38 -21.27
C LEU A 262 -28.04 30.79 -20.17
N THR A 263 -29.30 30.48 -20.51
CA THR A 263 -30.15 29.78 -19.57
C THR A 263 -29.68 28.35 -19.30
N LYS A 264 -28.86 27.79 -20.19
CA LYS A 264 -28.26 26.48 -19.93
C LYS A 264 -27.30 26.51 -18.76
N MET A 265 -26.65 27.66 -18.51
CA MET A 265 -25.71 27.77 -17.40
C MET A 265 -26.38 28.13 -16.08
N ARG A 266 -27.52 28.83 -16.12
CA ARG A 266 -28.22 29.13 -14.88
C ARG A 266 -28.91 27.88 -14.33
N ALA A 267 -29.36 26.98 -15.21
CA ALA A 267 -29.94 25.73 -14.74
C ALA A 267 -28.85 24.83 -14.16
N ALA A 268 -27.64 24.89 -14.73
CA ALA A 268 -26.52 24.13 -14.20
C ALA A 268 -26.24 24.52 -12.75
N ALA A 269 -25.99 25.81 -12.52
CA ALA A 269 -25.75 26.29 -11.16
C ALA A 269 -26.97 26.11 -10.29
N LEU A 270 -28.17 26.07 -10.88
CA LEU A 270 -29.38 25.88 -10.10
C LEU A 270 -29.36 24.54 -9.37
N ASP A 271 -28.92 23.49 -10.05
CA ASP A 271 -28.81 22.17 -9.43
C ASP A 271 -27.51 21.99 -8.67
N ALA A 272 -26.46 22.75 -9.00
CA ALA A 272 -25.20 22.65 -8.28
C ALA A 272 -25.35 23.17 -6.85
N GLN A 273 -26.02 24.31 -6.68
CA GLN A 273 -26.21 24.92 -5.38
C GLN A 273 -27.13 24.11 -4.46
N LYS A 274 -27.67 22.99 -4.94
CA LYS A 274 -28.49 22.11 -4.13
C LYS A 274 -27.70 20.97 -3.51
N ALA A 275 -26.37 21.00 -3.60
CA ALA A 275 -25.52 19.97 -3.01
C ALA A 275 -24.08 20.49 -2.94
N THR A 276 -23.43 20.26 -1.80
CA THR A 276 -22.02 20.63 -1.64
C THR A 276 -21.24 19.55 -0.89
N MET A 290 -19.48 26.83 4.48
CA MET A 290 -20.46 25.99 3.78
C MET A 290 -21.61 26.83 3.25
N LYS A 291 -21.99 27.85 4.02
CA LYS A 291 -23.06 28.74 3.60
C LYS A 291 -22.61 29.67 2.48
N ASP A 292 -21.32 29.96 2.39
CA ASP A 292 -20.79 30.78 1.30
C ASP A 292 -20.81 30.05 -0.03
N PHE A 293 -21.05 28.74 -0.03
CA PHE A 293 -21.11 28.01 -1.30
C PHE A 293 -22.51 28.08 -1.93
N ARG A 294 -23.56 27.93 -1.11
CA ARG A 294 -24.92 27.95 -1.64
C ARG A 294 -25.23 29.25 -2.38
N HIS A 295 -24.96 30.38 -1.72
CA HIS A 295 -25.17 31.69 -2.35
C HIS A 295 -24.07 32.04 -3.34
N GLY A 296 -22.92 31.37 -3.27
CA GLY A 296 -21.81 31.72 -4.15
C GLY A 296 -22.13 31.57 -5.62
N PHE A 297 -22.94 30.57 -5.97
CA PHE A 297 -23.36 30.40 -7.34
C PHE A 297 -24.45 31.40 -7.71
N ASP A 298 -25.28 31.81 -6.74
CA ASP A 298 -26.46 32.63 -7.01
C ASP A 298 -26.11 34.04 -7.50
N ILE A 299 -24.85 34.45 -7.41
CA ILE A 299 -24.47 35.77 -7.89
C ILE A 299 -23.94 35.74 -9.32
N LEU A 300 -23.39 34.59 -9.75
CA LEU A 300 -22.80 34.47 -11.08
C LEU A 300 -23.87 34.63 -12.17
N GLN A 325 -17.08 37.58 -18.56
CA GLN A 325 -17.24 38.01 -17.17
C GLN A 325 -17.48 36.82 -16.24
N LEU A 326 -18.28 35.86 -16.72
CA LEU A 326 -18.66 34.73 -15.88
C LEU A 326 -17.45 33.92 -15.44
N LYS A 327 -16.46 33.77 -16.32
CA LYS A 327 -15.30 32.94 -16.01
C LYS A 327 -14.55 33.40 -14.78
N THR A 328 -14.72 34.67 -14.37
CA THR A 328 -14.02 35.16 -13.18
C THR A 328 -14.63 34.58 -11.90
N THR A 329 -15.95 34.42 -11.87
CA THR A 329 -16.60 33.82 -10.69
C THR A 329 -16.22 32.36 -10.54
N ARG A 330 -16.06 31.65 -11.66
CA ARG A 330 -15.66 30.24 -11.60
C ARG A 330 -14.31 30.07 -10.94
N ASN A 331 -13.35 30.94 -11.26
CA ASN A 331 -12.05 30.87 -10.60
C ASN A 331 -12.08 31.42 -9.18
N ALA A 332 -13.09 32.23 -8.84
CA ALA A 332 -13.13 32.91 -7.56
C ALA A 332 -13.49 31.99 -6.41
N TYR A 333 -14.40 31.03 -6.62
CA TYR A 333 -14.85 30.20 -5.50
C TYR A 333 -15.21 28.78 -5.92
N ILE A 334 -15.56 28.58 -7.20
CA ILE A 334 -15.88 27.24 -7.66
C ILE A 334 -14.65 26.33 -7.60
N GLN A 335 -13.48 26.88 -7.94
CA GLN A 335 -12.25 26.08 -7.93
C GLN A 335 -11.86 25.61 -6.54
N LYS A 336 -12.44 26.19 -5.48
CA LYS A 336 -12.15 25.73 -4.12
C LYS A 336 -12.61 24.30 -3.92
N TYR A 337 -13.79 23.95 -4.44
CA TYR A 337 -14.28 22.58 -4.40
C TYR A 337 -13.85 21.78 -5.63
N LEU A 338 -13.66 22.44 -6.78
CA LEU A 338 -13.26 21.74 -7.99
C LEU A 338 -11.92 21.03 -7.78
N GLN A 339 -10.94 21.73 -7.22
CA GLN A 339 -9.66 21.09 -6.92
C GLN A 339 -9.80 20.09 -5.79
N ALA A 340 -10.74 20.32 -4.86
CA ALA A 340 -10.91 19.42 -3.72
C ALA A 340 -11.32 18.03 -4.19
N ILE A 341 -12.28 17.94 -5.10
CA ILE A 341 -12.72 16.65 -5.62
C ILE A 341 -11.62 16.00 -6.45
N ASN A 342 -10.95 16.78 -7.30
CA ASN A 342 -9.84 16.25 -8.08
C ASN A 342 -8.74 15.72 -7.17
N ASN A 343 -8.51 16.38 -6.03
CA ASN A 343 -7.56 15.88 -5.05
C ASN A 343 -7.97 14.50 -4.54
N GLU A 344 -9.25 14.34 -4.20
CA GLU A 344 -9.73 13.05 -3.73
C GLU A 344 -9.61 11.99 -4.82
N ARG A 345 -9.78 12.40 -6.08
CA ARG A 345 -9.62 11.45 -7.20
C ARG A 345 -8.17 11.05 -7.36
N LYS A 346 -7.23 12.00 -7.21
CA LYS A 346 -5.83 11.67 -7.33
C LYS A 346 -5.36 10.75 -6.20
N ALA A 347 -5.97 10.84 -5.03
CA ALA A 347 -5.60 9.95 -3.94
C ALA A 347 -6.11 8.54 -4.17
N SER A 348 -7.35 8.41 -4.67
CA SER A 348 -7.85 7.08 -5.02
C SER A 348 -7.03 6.44 -6.13
N LYS A 349 -6.44 7.25 -7.00
CA LYS A 349 -5.60 6.72 -8.07
C LYS A 349 -4.33 6.10 -7.49
N VAL A 350 -3.64 6.82 -6.60
CA VAL A 350 -2.39 6.34 -6.03
C VAL A 350 -2.62 5.09 -5.20
N LEU A 351 -3.63 5.13 -4.33
CA LEU A 351 -3.90 3.98 -3.46
C LEU A 351 -4.23 2.74 -4.26
N GLY A 352 -5.04 2.87 -5.31
CA GLY A 352 -5.37 1.73 -6.14
C GLY A 352 -4.14 1.09 -6.77
N ILE A 353 -3.21 1.91 -7.23
CA ILE A 353 -1.98 1.38 -7.83
C ILE A 353 -1.15 0.67 -6.77
N VAL A 354 -0.98 1.29 -5.61
CA VAL A 354 -0.25 0.65 -4.52
C VAL A 354 -0.93 -0.65 -4.11
N PHE A 355 -2.26 -0.65 -4.04
CA PHE A 355 -2.98 -1.84 -3.59
C PHE A 355 -2.84 -2.97 -4.60
N PHE A 356 -3.16 -2.71 -5.86
CA PHE A 356 -3.23 -3.77 -6.87
C PHE A 356 -1.86 -4.20 -7.37
N VAL A 357 -0.84 -3.35 -7.28
CA VAL A 357 0.50 -3.82 -7.59
C VAL A 357 0.98 -4.77 -6.49
N PHE A 358 0.70 -4.43 -5.24
CA PHE A 358 0.97 -5.36 -4.14
C PHE A 358 0.24 -6.67 -4.36
N LEU A 359 -1.04 -6.61 -4.73
CA LEU A 359 -1.80 -7.83 -5.00
C LEU A 359 -1.18 -8.62 -6.15
N ILE A 360 -0.77 -7.94 -7.21
CA ILE A 360 -0.27 -8.62 -8.40
C ILE A 360 1.11 -9.24 -8.14
N MET A 361 1.96 -8.55 -7.37
CA MET A 361 3.31 -9.03 -7.15
C MET A 361 3.39 -10.15 -6.12
N TRP A 362 2.35 -10.34 -5.31
CA TRP A 362 2.31 -11.45 -4.38
C TRP A 362 1.49 -12.63 -4.87
N CYS A 363 0.67 -12.44 -5.90
CA CYS A 363 -0.16 -13.53 -6.40
C CYS A 363 0.64 -14.74 -6.86
N PRO A 364 1.69 -14.62 -7.70
CA PRO A 364 2.36 -15.84 -8.18
C PRO A 364 2.87 -16.72 -7.06
N PHE A 365 3.47 -16.13 -6.03
CA PHE A 365 3.88 -16.90 -4.87
C PHE A 365 2.68 -17.56 -4.20
N PHE A 366 1.63 -16.79 -3.92
CA PHE A 366 0.51 -17.34 -3.15
C PHE A 366 -0.32 -18.31 -3.98
N ILE A 367 -0.49 -18.04 -5.28
CA ILE A 367 -1.16 -19.00 -6.15
C ILE A 367 -0.38 -20.31 -6.16
N THR A 368 0.90 -20.24 -6.52
CA THR A 368 1.74 -21.43 -6.61
C THR A 368 1.76 -22.18 -5.28
N ASN A 369 1.73 -21.45 -4.17
CA ASN A 369 1.74 -22.08 -2.86
C ASN A 369 0.42 -22.81 -2.58
N ILE A 370 -0.71 -22.13 -2.77
CA ILE A 370 -2.00 -22.78 -2.54
C ILE A 370 -2.31 -23.79 -3.64
N LEU A 371 -1.66 -23.68 -4.80
CA LEU A 371 -1.78 -24.71 -5.83
C LEU A 371 -0.92 -25.93 -5.51
N SER A 372 0.05 -25.79 -4.60
CA SER A 372 0.95 -26.88 -4.25
C SER A 372 0.36 -27.82 -3.20
N VAL A 373 -0.67 -27.38 -2.47
CA VAL A 373 -1.32 -28.25 -1.49
C VAL A 373 -2.66 -28.79 -1.99
N LEU A 374 -3.28 -28.14 -2.98
CA LEU A 374 -4.50 -28.68 -3.59
C LEU A 374 -4.24 -30.02 -4.26
N CYS A 375 -3.00 -30.28 -4.66
CA CYS A 375 -2.57 -31.61 -5.12
C CYS A 375 -1.41 -32.06 -4.23
N GLU A 376 -1.69 -32.96 -3.29
CA GLU A 376 -0.64 -33.47 -2.42
C GLU A 376 0.41 -34.23 -3.23
N LYS A 377 -0.05 -35.20 -4.03
CA LYS A 377 0.80 -35.87 -5.01
C LYS A 377 0.33 -35.50 -6.42
N SER A 378 0.72 -36.29 -7.41
CA SER A 378 0.39 -36.07 -8.83
C SER A 378 0.91 -34.75 -9.37
N CYS A 379 1.68 -34.00 -8.58
CA CYS A 379 2.19 -32.70 -9.00
C CYS A 379 3.70 -32.67 -8.86
N ASN A 380 4.34 -31.91 -9.76
CA ASN A 380 5.78 -31.75 -9.71
C ASN A 380 6.16 -30.85 -8.55
N GLN A 381 6.40 -31.44 -7.37
CA GLN A 381 6.77 -30.64 -6.21
C GLN A 381 8.12 -29.97 -6.40
N LYS A 382 9.06 -30.66 -7.05
CA LYS A 382 10.37 -30.07 -7.31
C LYS A 382 10.26 -28.82 -8.16
N LEU A 383 9.32 -28.80 -9.12
CA LEU A 383 9.11 -27.61 -9.93
C LEU A 383 8.52 -26.47 -9.11
N MET A 384 7.55 -26.79 -8.24
CA MET A 384 6.91 -25.77 -7.42
C MET A 384 7.93 -24.99 -6.60
N GLU A 385 8.85 -25.71 -5.96
CA GLU A 385 9.85 -25.04 -5.12
C GLU A 385 10.73 -24.12 -5.95
N LYS A 386 11.14 -24.56 -7.14
CA LYS A 386 11.99 -23.75 -7.98
C LYS A 386 11.27 -22.48 -8.45
N LEU A 387 9.98 -22.60 -8.80
CA LEU A 387 9.19 -21.42 -9.12
C LEU A 387 9.05 -20.51 -7.92
N LEU A 388 8.82 -21.09 -6.74
CA LEU A 388 8.64 -20.28 -5.54
C LEU A 388 9.92 -19.57 -5.12
N ASN A 389 11.09 -20.13 -5.46
CA ASN A 389 12.34 -19.43 -5.15
C ASN A 389 12.39 -18.08 -5.86
N VAL A 390 11.89 -18.01 -7.09
CA VAL A 390 11.84 -16.76 -7.83
C VAL A 390 10.62 -15.94 -7.44
N PHE A 391 9.49 -16.62 -7.18
CA PHE A 391 8.25 -15.90 -6.91
C PHE A 391 8.30 -15.15 -5.57
N VAL A 392 9.07 -15.65 -4.61
CA VAL A 392 9.14 -14.96 -3.33
C VAL A 392 9.86 -13.61 -3.48
N TRP A 393 10.84 -13.53 -4.38
CA TRP A 393 11.53 -12.26 -4.59
C TRP A 393 10.74 -11.28 -5.42
N ILE A 394 9.80 -11.76 -6.24
CA ILE A 394 8.85 -10.85 -6.87
C ILE A 394 7.99 -10.18 -5.81
N GLY A 395 7.58 -10.94 -4.79
CA GLY A 395 6.86 -10.34 -3.68
C GLY A 395 7.74 -9.44 -2.83
N TYR A 396 9.01 -9.83 -2.64
CA TYR A 396 9.91 -9.03 -1.81
C TYR A 396 10.19 -7.68 -2.44
N VAL A 397 10.43 -7.65 -3.75
CA VAL A 397 10.73 -6.40 -4.45
C VAL A 397 9.64 -5.36 -4.23
N ASN A 398 8.41 -5.81 -3.95
CA ASN A 398 7.33 -4.87 -3.66
C ASN A 398 7.64 -3.97 -2.48
N SER A 399 8.50 -4.41 -1.56
CA SER A 399 8.88 -3.54 -0.45
C SER A 399 9.69 -2.34 -0.90
N GLY A 400 10.19 -2.34 -2.14
CA GLY A 400 10.90 -1.20 -2.67
C GLY A 400 10.08 -0.38 -3.65
N ILE A 401 8.95 -0.93 -4.09
CA ILE A 401 8.19 -0.29 -5.16
C ILE A 401 7.43 0.93 -4.65
N ASN A 402 6.88 0.84 -3.44
CA ASN A 402 6.02 1.92 -2.92
C ASN A 402 6.68 3.29 -2.93
N PRO A 403 7.92 3.49 -2.44
CA PRO A 403 8.51 4.83 -2.53
C PRO A 403 8.65 5.33 -3.96
N LEU A 404 8.83 4.43 -4.93
CA LEU A 404 8.86 4.85 -6.33
C LEU A 404 7.48 5.35 -6.77
N VAL A 405 6.41 4.67 -6.34
CA VAL A 405 5.07 5.06 -6.74
C VAL A 405 4.74 6.45 -6.21
N TYR A 406 5.08 6.73 -4.95
CA TYR A 406 4.83 8.05 -4.39
C TYR A 406 5.51 9.14 -5.21
N THR A 407 6.74 8.89 -5.65
CA THR A 407 7.50 9.88 -6.39
C THR A 407 6.82 10.22 -7.72
N LEU A 408 6.28 9.21 -8.40
CA LEU A 408 5.67 9.44 -9.71
C LEU A 408 4.37 10.22 -9.60
N PHE A 409 3.62 10.02 -8.52
CA PHE A 409 2.26 10.52 -8.43
C PHE A 409 2.06 11.61 -7.38
N ASN A 410 3.14 12.14 -6.80
CA ASN A 410 2.98 13.17 -5.78
C ASN A 410 4.19 14.09 -5.78
N LYS A 411 3.95 15.37 -6.03
CA LYS A 411 5.04 16.35 -6.10
C LYS A 411 5.72 16.57 -4.75
N ILE A 412 5.03 16.29 -3.64
CA ILE A 412 5.63 16.51 -2.32
C ILE A 412 6.71 15.47 -2.05
N TYR A 413 6.41 14.20 -2.29
CA TYR A 413 7.42 13.15 -2.14
C TYR A 413 8.54 13.32 -3.16
N ARG A 414 8.19 13.55 -4.42
CA ARG A 414 9.20 13.71 -5.46
C ARG A 414 10.15 14.87 -5.16
N ARG A 415 9.60 15.98 -4.68
CA ARG A 415 10.44 17.14 -4.37
C ARG A 415 11.31 16.89 -3.15
N ALA A 416 10.75 16.26 -2.12
CA ALA A 416 11.55 15.94 -0.93
C ALA A 416 12.58 14.86 -1.22
N PHE A 417 12.25 13.90 -2.09
CA PHE A 417 13.20 12.84 -2.40
C PHE A 417 14.44 13.41 -3.09
N SER A 418 14.23 14.28 -4.08
CA SER A 418 15.37 14.87 -4.78
C SER A 418 16.22 15.74 -3.86
N ASN A 419 15.60 16.38 -2.86
CA ASN A 419 16.36 17.21 -1.93
C ASN A 419 17.13 16.36 -0.92
N TYR A 420 16.56 15.24 -0.47
CA TYR A 420 17.29 14.38 0.45
C TYR A 420 18.46 13.71 -0.25
N LEU A 421 18.27 13.32 -1.52
CA LEU A 421 19.36 12.72 -2.29
C LEU A 421 20.50 13.71 -2.55
N ARG A 422 20.18 15.01 -2.63
CA ARG A 422 21.20 16.00 -2.94
C ARG A 422 21.69 16.74 -1.70
N CYS A 423 20.82 17.53 -1.08
CA CYS A 423 21.23 18.41 0.01
C CYS A 423 21.67 17.66 1.26
N ASN A 424 21.39 16.36 1.37
CA ASN A 424 21.85 15.53 2.46
C ASN A 424 22.89 14.50 2.02
N TYR A 425 22.57 13.68 1.02
CA TYR A 425 23.52 12.70 0.51
C TYR A 425 24.53 13.35 -0.43
#